data_1CB0
#
_entry.id   1CB0
#
_cell.length_a   120.760
_cell.length_b   120.760
_cell.length_c   44.460
_cell.angle_alpha   90.00
_cell.angle_beta   90.00
_cell.angle_gamma   120.00
#
_symmetry.space_group_name_H-M   'P 3 2 1'
#
loop_
_entity.id
_entity.type
_entity.pdbx_description
1 polymer "PROTEIN (5'-DEOXY-5'-METHYLTHIOADENOSINE PHOSPHORYLASE)"
2 non-polymer ADENINE
3 water water
#
_entity_poly.entity_id   1
_entity_poly.type   'polypeptide(L)'
_entity_poly.pdbx_seq_one_letter_code
;MASGTTTTAVKIGIIGGTGLDDPEILEGRTEKYVDTPFGKPSDALILGKIKNVDCVLLARHGRQHTIMPSKVNYQANIWA
LKEEGCTHVIVTTACGSLREEIQPGDIVIIDQFIDRTTMRPQSFYDGSHSCARGVCHIPMAEPFCPKTREVLIETAKKLG
LRCHSKGTMVTIEGPRFSSRAESFMFRTWGADVINMTTVPEVVLAKEAGICYASIAMATDYDCWKEHEEAVSVDRVLKTL
KENANKAKSLLLTTIPQIGSTEWSETLHNLKNMAQFSVLLPRH
;
_entity_poly.pdbx_strand_id   A
#
loop_
_chem_comp.id
_chem_comp.type
_chem_comp.name
_chem_comp.formula
ADE non-polymer ADENINE 'C5 H5 N5'
#
# COMPACT_ATOMS: atom_id res chain seq x y z
N ALA A 9 17.75 -10.10 -8.96
CA ALA A 9 16.54 -9.73 -9.78
C ALA A 9 15.37 -9.34 -8.88
N VAL A 10 14.75 -8.21 -9.19
CA VAL A 10 13.60 -7.72 -8.42
C VAL A 10 12.32 -7.86 -9.23
N LYS A 11 11.19 -7.81 -8.53
CA LYS A 11 9.88 -7.88 -9.18
C LYS A 11 8.96 -7.02 -8.32
N ILE A 12 8.43 -5.97 -8.92
CA ILE A 12 7.58 -5.02 -8.21
C ILE A 12 6.07 -5.22 -8.32
N GLY A 13 5.45 -5.51 -7.18
CA GLY A 13 4.01 -5.65 -7.16
C GLY A 13 3.50 -4.22 -6.95
N ILE A 14 2.44 -3.86 -7.66
CA ILE A 14 1.88 -2.52 -7.52
C ILE A 14 0.38 -2.66 -7.26
N ILE A 15 -0.07 -2.15 -6.12
CA ILE A 15 -1.49 -2.19 -5.80
C ILE A 15 -2.03 -0.77 -5.96
N GLY A 16 -2.93 -0.62 -6.93
CA GLY A 16 -3.51 0.68 -7.20
C GLY A 16 -4.79 0.96 -6.44
N GLY A 17 -4.85 2.14 -5.81
CA GLY A 17 -6.02 2.52 -5.06
C GLY A 17 -7.05 3.22 -5.93
N THR A 18 -8.05 3.82 -5.28
CA THR A 18 -9.13 4.54 -5.96
C THR A 18 -8.57 5.58 -6.94
N GLY A 19 -8.90 5.43 -8.22
CA GLY A 19 -8.43 6.36 -9.24
C GLY A 19 -6.93 6.48 -9.41
N LEU A 20 -6.18 5.50 -8.92
CA LEU A 20 -4.72 5.49 -9.02
C LEU A 20 -4.26 4.08 -9.39
N ASP A 21 -5.03 3.42 -10.26
CA ASP A 21 -4.75 2.06 -10.70
C ASP A 21 -4.75 1.91 -12.23
N ASP A 22 -4.04 2.80 -12.92
CA ASP A 22 -3.95 2.81 -14.38
C ASP A 22 -3.05 1.70 -14.95
N PRO A 23 -3.65 0.77 -15.73
CA PRO A 23 -2.92 -0.35 -16.36
C PRO A 23 -1.89 0.07 -17.40
N GLU A 24 -2.14 1.18 -18.07
CA GLU A 24 -1.24 1.70 -19.11
C GLU A 24 0.17 2.01 -18.60
N ILE A 25 0.33 2.05 -17.28
CA ILE A 25 1.64 2.33 -16.69
C ILE A 25 2.64 1.21 -17.06
N LEU A 26 2.11 0.02 -17.33
CA LEU A 26 2.92 -1.14 -17.69
C LEU A 26 3.00 -1.35 -19.20
N GLU A 27 4.18 -1.78 -19.64
CA GLU A 27 4.45 -2.06 -21.04
C GLU A 27 4.47 -3.58 -21.23
N GLY A 28 3.95 -4.05 -22.38
CA GLY A 28 3.92 -5.49 -22.65
C GLY A 28 3.01 -6.23 -21.67
N ARG A 29 1.79 -5.73 -21.50
CA ARG A 29 0.79 -6.28 -20.59
C ARG A 29 0.15 -7.62 -20.94
N THR A 30 -0.14 -8.39 -19.90
CA THR A 30 -0.81 -9.69 -20.03
C THR A 30 -1.62 -9.93 -18.75
N GLU A 31 -2.92 -10.12 -18.94
CA GLU A 31 -3.87 -10.35 -17.85
C GLU A 31 -3.75 -11.79 -17.34
N LYS A 32 -3.86 -11.96 -16.02
CA LYS A 32 -3.73 -13.29 -15.41
C LYS A 32 -4.56 -13.44 -14.13
N TYR A 33 -5.63 -14.23 -14.21
CA TYR A 33 -6.49 -14.48 -13.05
C TYR A 33 -5.87 -15.60 -12.22
N VAL A 34 -5.75 -15.40 -10.91
CA VAL A 34 -5.17 -16.43 -10.05
C VAL A 34 -6.06 -16.69 -8.84
N ASP A 35 -5.73 -17.76 -8.12
CA ASP A 35 -6.47 -18.13 -6.92
C ASP A 35 -5.45 -18.35 -5.82
N THR A 36 -5.87 -18.23 -4.56
CA THR A 36 -4.97 -18.42 -3.43
C THR A 36 -5.69 -19.21 -2.32
N PRO A 37 -4.94 -19.69 -1.31
CA PRO A 37 -5.54 -20.45 -0.22
C PRO A 37 -6.54 -19.59 0.57
N PHE A 38 -6.41 -18.27 0.42
CA PHE A 38 -7.26 -17.32 1.12
C PHE A 38 -8.38 -16.75 0.26
N GLY A 39 -8.53 -17.29 -0.94
CA GLY A 39 -9.58 -16.83 -1.84
C GLY A 39 -9.04 -16.10 -3.06
N LYS A 40 -9.96 -15.48 -3.81
CA LYS A 40 -9.59 -14.75 -5.02
C LYS A 40 -9.17 -13.31 -4.73
N PRO A 41 -8.15 -12.81 -5.45
CA PRO A 41 -7.67 -11.44 -5.29
C PRO A 41 -8.76 -10.49 -5.83
N SER A 42 -8.64 -9.20 -5.55
CA SER A 42 -9.62 -8.21 -5.98
C SER A 42 -9.98 -8.26 -7.47
N ASP A 43 -8.99 -8.57 -8.30
CA ASP A 43 -9.19 -8.66 -9.74
C ASP A 43 -8.00 -9.42 -10.31
N ALA A 44 -7.91 -9.47 -11.64
CA ALA A 44 -6.80 -10.17 -12.30
C ALA A 44 -5.48 -9.43 -12.14
N LEU A 45 -4.39 -10.17 -12.18
CA LEU A 45 -3.06 -9.60 -12.07
C LEU A 45 -2.62 -9.16 -13.45
N ILE A 46 -2.06 -7.96 -13.56
CA ILE A 46 -1.58 -7.46 -14.84
C ILE A 46 -0.05 -7.55 -14.85
N LEU A 47 0.48 -8.47 -15.65
CA LEU A 47 1.92 -8.65 -15.74
C LEU A 47 2.47 -7.75 -16.84
N GLY A 48 3.65 -7.18 -16.60
CA GLY A 48 4.26 -6.30 -17.59
C GLY A 48 5.58 -5.76 -17.10
N LYS A 49 6.08 -4.72 -17.74
CA LYS A 49 7.36 -4.13 -17.36
C LYS A 49 7.41 -2.62 -17.43
N ILE A 50 8.36 -2.05 -16.70
CA ILE A 50 8.64 -0.61 -16.70
C ILE A 50 10.15 -0.69 -16.96
N LYS A 51 10.55 -0.33 -18.17
CA LYS A 51 11.93 -0.42 -18.64
C LYS A 51 12.24 -1.91 -18.62
N ASN A 52 13.30 -2.33 -17.93
CA ASN A 52 13.65 -3.74 -17.89
C ASN A 52 13.18 -4.47 -16.63
N VAL A 53 12.42 -3.78 -15.77
CA VAL A 53 11.94 -4.36 -14.52
C VAL A 53 10.56 -4.99 -14.61
N ASP A 54 10.44 -6.24 -14.15
CA ASP A 54 9.17 -6.96 -14.15
C ASP A 54 8.25 -6.41 -13.06
N CYS A 55 6.97 -6.24 -13.39
CA CYS A 55 5.98 -5.72 -12.45
C CYS A 55 4.66 -6.49 -12.52
N VAL A 56 3.87 -6.39 -11.46
CA VAL A 56 2.56 -7.04 -11.38
C VAL A 56 1.60 -6.02 -10.78
N LEU A 57 0.64 -5.56 -11.57
CA LEU A 57 -0.34 -4.57 -11.11
C LEU A 57 -1.64 -5.22 -10.68
N LEU A 58 -2.24 -4.67 -9.62
CA LEU A 58 -3.49 -5.18 -9.07
C LEU A 58 -4.35 -4.03 -8.54
N ALA A 59 -5.60 -3.95 -8.98
CA ALA A 59 -6.53 -2.90 -8.52
C ALA A 59 -7.15 -3.34 -7.20
N ARG A 60 -6.82 -2.62 -6.12
CA ARG A 60 -7.32 -2.94 -4.77
C ARG A 60 -8.83 -3.15 -4.64
N HIS A 61 -9.61 -2.28 -5.30
CA HIS A 61 -11.06 -2.35 -5.22
C HIS A 61 -11.71 -2.95 -6.45
N GLY A 62 -10.91 -3.58 -7.30
CA GLY A 62 -11.43 -4.15 -8.54
C GLY A 62 -11.37 -3.06 -9.59
N ARG A 63 -11.26 -3.44 -10.87
CA ARG A 63 -11.19 -2.46 -11.94
C ARG A 63 -12.37 -1.52 -11.99
N GLN A 64 -13.54 -2.01 -11.59
CA GLN A 64 -14.76 -1.19 -11.59
C GLN A 64 -15.12 -0.64 -10.22
N HIS A 65 -14.18 -0.72 -9.29
CA HIS A 65 -14.34 -0.25 -7.91
C HIS A 65 -15.69 -0.66 -7.31
N THR A 66 -15.82 -1.96 -7.04
CA THR A 66 -17.05 -2.52 -6.48
C THR A 66 -16.85 -3.12 -5.09
N ILE A 67 -15.62 -3.04 -4.59
CA ILE A 67 -15.29 -3.61 -3.28
C ILE A 67 -14.97 -2.54 -2.25
N MET A 68 -15.73 -2.50 -1.14
CA MET A 68 -15.48 -1.52 -0.10
C MET A 68 -14.22 -1.92 0.68
N PRO A 69 -13.53 -0.94 1.30
CA PRO A 69 -12.30 -1.18 2.06
C PRO A 69 -12.34 -2.34 3.06
N SER A 70 -13.45 -2.47 3.78
CA SER A 70 -13.59 -3.52 4.78
C SER A 70 -13.74 -4.93 4.19
N LYS A 71 -14.15 -5.01 2.94
CA LYS A 71 -14.33 -6.29 2.29
C LYS A 71 -13.23 -6.68 1.30
N VAL A 72 -12.20 -5.85 1.19
CA VAL A 72 -11.08 -6.16 0.30
C VAL A 72 -10.39 -7.40 0.88
N ASN A 73 -10.02 -8.34 0.02
CA ASN A 73 -9.35 -9.56 0.48
C ASN A 73 -7.84 -9.31 0.51
N TYR A 74 -7.40 -8.61 1.55
CA TYR A 74 -5.98 -8.26 1.71
C TYR A 74 -5.07 -9.49 1.71
N GLN A 75 -5.54 -10.57 2.33
CA GLN A 75 -4.77 -11.81 2.39
C GLN A 75 -4.53 -12.38 1.00
N ALA A 76 -5.59 -12.49 0.20
CA ALA A 76 -5.46 -13.03 -1.16
C ALA A 76 -4.60 -12.14 -2.04
N ASN A 77 -4.77 -10.82 -1.92
CA ASN A 77 -4.00 -9.87 -2.72
C ASN A 77 -2.49 -9.98 -2.47
N ILE A 78 -2.10 -9.96 -1.20
CA ILE A 78 -0.67 -10.06 -0.85
C ILE A 78 -0.12 -11.45 -1.19
N TRP A 79 -0.90 -12.49 -0.93
CA TRP A 79 -0.47 -13.86 -1.21
C TRP A 79 -0.24 -14.07 -2.71
N ALA A 80 -1.13 -13.50 -3.53
CA ALA A 80 -1.03 -13.62 -4.98
C ALA A 80 0.26 -12.96 -5.51
N LEU A 81 0.56 -11.77 -5.00
CA LEU A 81 1.77 -11.04 -5.40
C LEU A 81 3.03 -11.79 -4.95
N LYS A 82 2.98 -12.34 -3.75
CA LYS A 82 4.10 -13.11 -3.19
C LYS A 82 4.34 -14.33 -4.08
N GLU A 83 3.25 -14.99 -4.47
CA GLU A 83 3.31 -16.18 -5.31
C GLU A 83 3.83 -15.89 -6.73
N GLU A 84 3.67 -14.64 -7.18
CA GLU A 84 4.17 -14.23 -8.50
C GLU A 84 5.66 -13.98 -8.47
N GLY A 85 6.23 -13.93 -7.27
CA GLY A 85 7.66 -13.71 -7.12
C GLY A 85 8.02 -12.28 -6.80
N CYS A 86 7.05 -11.48 -6.36
CA CYS A 86 7.31 -10.10 -6.02
C CYS A 86 8.23 -9.95 -4.82
N THR A 87 9.22 -9.06 -4.96
CA THR A 87 10.18 -8.77 -3.91
C THR A 87 9.77 -7.49 -3.20
N HIS A 88 9.07 -6.63 -3.94
CA HIS A 88 8.58 -5.35 -3.44
C HIS A 88 7.10 -5.20 -3.78
N VAL A 89 6.43 -4.39 -2.99
CA VAL A 89 5.03 -4.06 -3.21
C VAL A 89 4.89 -2.58 -2.86
N ILE A 90 4.72 -1.76 -3.90
CA ILE A 90 4.55 -0.32 -3.75
C ILE A 90 3.09 -0.04 -4.10
N VAL A 91 2.39 0.64 -3.20
CA VAL A 91 0.98 0.92 -3.39
C VAL A 91 0.62 2.39 -3.45
N THR A 92 -0.58 2.67 -3.93
CA THR A 92 -1.09 4.04 -4.00
C THR A 92 -2.39 4.07 -3.22
N THR A 93 -2.67 5.20 -2.59
CA THR A 93 -3.89 5.36 -1.82
C THR A 93 -4.22 6.82 -1.64
N ALA A 94 -5.51 7.12 -1.69
CA ALA A 94 -5.98 8.47 -1.47
C ALA A 94 -6.06 8.59 0.05
N CYS A 95 -6.05 9.80 0.57
CA CYS A 95 -6.14 9.99 2.01
C CYS A 95 -6.54 11.42 2.32
N GLY A 96 -7.00 11.64 3.54
CA GLY A 96 -7.38 12.98 3.96
C GLY A 96 -6.21 13.53 4.75
N SER A 97 -6.00 14.83 4.67
CA SER A 97 -4.91 15.45 5.43
C SER A 97 -5.38 15.93 6.79
N LEU A 98 -4.59 15.65 7.82
CA LEU A 98 -4.89 16.07 9.18
C LEU A 98 -3.90 17.15 9.64
N ARG A 99 -3.15 17.70 8.69
CA ARG A 99 -2.15 18.73 8.98
C ARG A 99 -2.19 19.82 7.91
N GLU A 100 -2.19 21.08 8.35
CA GLU A 100 -2.24 22.22 7.44
C GLU A 100 -1.17 22.17 6.34
N GLU A 101 0.06 21.81 6.70
CA GLU A 101 1.17 21.74 5.73
C GLU A 101 1.03 20.65 4.66
N ILE A 102 0.20 19.64 4.91
CA ILE A 102 -0.02 18.60 3.92
C ILE A 102 -1.23 19.06 3.11
N GLN A 103 -0.97 19.66 1.96
CA GLN A 103 -2.03 20.17 1.10
C GLN A 103 -2.58 19.15 0.11
N PRO A 104 -3.86 19.29 -0.28
CA PRO A 104 -4.46 18.34 -1.23
C PRO A 104 -3.60 18.38 -2.50
N GLY A 105 -3.25 17.21 -3.02
CA GLY A 105 -2.40 17.12 -4.18
C GLY A 105 -1.00 16.70 -3.77
N ASP A 106 -0.67 16.87 -2.49
CA ASP A 106 0.64 16.49 -1.94
C ASP A 106 0.78 14.98 -1.79
N ILE A 107 2.01 14.51 -1.90
CA ILE A 107 2.32 13.09 -1.72
C ILE A 107 2.97 12.94 -0.35
N VAL A 108 2.65 11.85 0.34
CA VAL A 108 3.21 11.58 1.67
C VAL A 108 3.75 10.14 1.68
N ILE A 109 5.06 10.01 1.86
CA ILE A 109 5.69 8.70 1.91
C ILE A 109 5.62 8.27 3.37
N ILE A 110 4.45 7.79 3.77
CA ILE A 110 4.18 7.39 5.16
C ILE A 110 5.15 6.35 5.74
N ASP A 111 5.44 6.50 7.02
CA ASP A 111 6.36 5.60 7.72
C ASP A 111 5.77 4.91 8.96
N GLN A 112 4.56 5.30 9.33
CA GLN A 112 3.88 4.73 10.50
C GLN A 112 2.36 4.68 10.29
N PHE A 113 1.67 3.93 11.14
CA PHE A 113 0.22 3.83 11.05
C PHE A 113 -0.40 3.67 12.44
N ILE A 114 -1.68 4.00 12.54
CA ILE A 114 -2.45 3.82 13.77
C ILE A 114 -3.70 3.09 13.28
N ASP A 115 -3.92 1.90 13.81
CA ASP A 115 -5.05 1.07 13.42
C ASP A 115 -6.36 1.45 14.09
N ARG A 116 -7.38 1.66 13.27
CA ARG A 116 -8.73 1.98 13.75
C ARG A 116 -9.73 1.05 13.07
N THR A 117 -9.23 -0.01 12.46
CA THR A 117 -10.09 -0.99 11.79
C THR A 117 -10.58 -1.99 12.85
N THR A 118 -11.68 -2.69 12.57
CA THR A 118 -12.23 -3.63 13.54
C THR A 118 -12.57 -5.03 13.03
N MET A 119 -13.01 -5.16 11.79
CA MET A 119 -13.38 -6.48 11.29
C MET A 119 -12.52 -7.01 10.15
N ARG A 120 -11.20 -6.92 10.30
CA ARG A 120 -10.30 -7.37 9.25
C ARG A 120 -9.23 -8.37 9.70
N PRO A 121 -9.11 -9.50 8.97
CA PRO A 121 -8.11 -10.53 9.28
C PRO A 121 -6.75 -9.89 9.01
N GLN A 122 -5.87 -9.90 10.01
CA GLN A 122 -4.56 -9.28 9.86
C GLN A 122 -3.36 -10.19 9.78
N SER A 123 -3.60 -11.50 9.69
CA SER A 123 -2.52 -12.47 9.61
C SER A 123 -2.87 -13.67 8.71
N PHE A 124 -1.84 -14.26 8.10
CA PHE A 124 -2.04 -15.44 7.25
C PHE A 124 -2.15 -16.66 8.16
N TYR A 125 -1.57 -16.54 9.35
CA TYR A 125 -1.54 -17.61 10.34
C TYR A 125 -2.77 -17.63 11.24
N ASP A 126 -3.92 -17.98 10.67
CA ASP A 126 -5.18 -18.03 11.41
C ASP A 126 -5.53 -19.41 11.95
N GLY A 127 -4.63 -20.37 11.78
CA GLY A 127 -4.85 -21.72 12.27
C GLY A 127 -5.72 -22.60 11.39
N SER A 128 -6.14 -22.10 10.23
CA SER A 128 -6.99 -22.88 9.34
C SER A 128 -6.42 -23.10 7.94
N HIS A 129 -5.15 -22.79 7.74
CA HIS A 129 -4.49 -22.95 6.44
C HIS A 129 -3.16 -23.68 6.60
N SER A 130 -3.00 -24.78 5.87
CA SER A 130 -1.77 -25.58 5.93
C SER A 130 -0.55 -24.85 5.39
N CYS A 131 -0.79 -23.83 4.56
CA CYS A 131 0.27 -23.03 3.96
C CYS A 131 0.88 -22.04 4.96
N ALA A 132 0.20 -21.85 6.09
CA ALA A 132 0.67 -20.92 7.12
C ALA A 132 0.36 -21.50 8.50
N ARG A 133 1.24 -22.38 8.99
CA ARG A 133 1.05 -23.02 10.30
C ARG A 133 1.70 -22.31 11.47
N GLY A 134 1.02 -22.36 12.61
CA GLY A 134 1.52 -21.73 13.82
C GLY A 134 0.90 -20.38 14.15
N VAL A 135 1.42 -19.75 15.19
CA VAL A 135 0.95 -18.43 15.62
C VAL A 135 2.04 -17.42 15.26
N CYS A 136 1.67 -16.39 14.48
CA CYS A 136 2.64 -15.39 14.06
C CYS A 136 2.44 -14.02 14.73
N HIS A 137 3.47 -13.54 15.40
CA HIS A 137 3.44 -12.22 16.04
C HIS A 137 4.48 -11.36 15.33
N ILE A 138 4.07 -10.79 14.19
CA ILE A 138 4.97 -9.97 13.39
C ILE A 138 5.28 -8.60 14.00
N PRO A 139 6.57 -8.21 14.02
CA PRO A 139 6.98 -6.91 14.57
C PRO A 139 6.51 -5.78 13.65
N MET A 140 6.04 -4.68 14.24
CA MET A 140 5.56 -3.53 13.47
C MET A 140 6.22 -2.21 13.84
N ALA A 141 7.37 -2.26 14.50
CA ALA A 141 8.09 -1.05 14.90
C ALA A 141 8.37 -0.15 13.68
N GLU A 142 8.79 -0.79 12.59
CA GLU A 142 9.11 -0.12 11.34
C GLU A 142 8.32 -0.87 10.26
N PRO A 143 7.01 -0.57 10.12
CA PRO A 143 6.10 -1.20 9.16
C PRO A 143 6.46 -1.09 7.67
N PHE A 144 7.06 0.01 7.27
CA PHE A 144 7.40 0.23 5.86
C PHE A 144 8.90 0.11 5.60
N CYS A 145 9.26 -0.39 4.42
CA CYS A 145 10.66 -0.54 4.04
C CYS A 145 11.36 0.81 3.92
N PRO A 146 12.40 1.05 4.73
CA PRO A 146 13.18 2.30 4.74
C PRO A 146 13.89 2.59 3.43
N LYS A 147 14.47 1.54 2.83
CA LYS A 147 15.21 1.68 1.58
C LYS A 147 14.30 2.02 0.41
N THR A 148 13.15 1.36 0.35
CA THR A 148 12.17 1.60 -0.71
C THR A 148 11.61 3.02 -0.55
N ARG A 149 11.32 3.41 0.68
CA ARG A 149 10.80 4.75 0.95
C ARG A 149 11.83 5.82 0.55
N GLU A 150 13.10 5.55 0.82
CA GLU A 150 14.19 6.47 0.48
C GLU A 150 14.27 6.75 -1.02
N VAL A 151 14.12 5.71 -1.84
CA VAL A 151 14.17 5.87 -3.29
C VAL A 151 12.97 6.69 -3.78
N LEU A 152 11.80 6.43 -3.19
CA LEU A 152 10.59 7.17 -3.54
C LEU A 152 10.74 8.65 -3.22
N ILE A 153 11.28 8.95 -2.04
CA ILE A 153 11.50 10.34 -1.61
C ILE A 153 12.47 11.08 -2.53
N GLU A 154 13.59 10.44 -2.86
CA GLU A 154 14.57 11.07 -3.75
C GLU A 154 14.07 11.25 -5.18
N THR A 155 13.27 10.30 -5.65
CA THR A 155 12.73 10.38 -6.99
C THR A 155 11.68 11.51 -7.07
N ALA A 156 10.92 11.68 -5.98
CA ALA A 156 9.92 12.74 -5.92
C ALA A 156 10.64 14.09 -6.00
N LYS A 157 11.79 14.19 -5.33
CA LYS A 157 12.58 15.41 -5.34
C LYS A 157 13.13 15.70 -6.74
N LYS A 158 13.59 14.66 -7.44
CA LYS A 158 14.12 14.80 -8.78
C LYS A 158 13.04 15.25 -9.76
N LEU A 159 11.79 14.88 -9.45
CA LEU A 159 10.64 15.26 -10.27
C LEU A 159 10.08 16.62 -9.86
N GLY A 160 10.59 17.16 -8.75
CA GLY A 160 10.16 18.45 -8.26
C GLY A 160 8.76 18.47 -7.66
N LEU A 161 8.30 17.31 -7.21
CA LEU A 161 6.96 17.19 -6.62
C LEU A 161 6.90 17.53 -5.14
N ARG A 162 5.78 18.12 -4.71
CA ARG A 162 5.57 18.43 -3.29
C ARG A 162 5.40 17.05 -2.66
N CYS A 163 6.30 16.70 -1.76
CA CYS A 163 6.31 15.40 -1.13
C CYS A 163 6.82 15.47 0.32
N HIS A 164 6.08 14.84 1.22
CA HIS A 164 6.44 14.80 2.63
C HIS A 164 7.19 13.49 2.88
N SER A 165 8.36 13.61 3.52
CA SER A 165 9.24 12.48 3.79
C SER A 165 8.79 11.45 4.83
N LYS A 166 7.76 11.77 5.59
CA LYS A 166 7.27 10.84 6.60
C LYS A 166 5.84 11.22 6.96
N GLY A 167 5.19 10.37 7.73
CA GLY A 167 3.82 10.65 8.13
C GLY A 167 3.13 9.44 8.71
N THR A 168 2.24 9.69 9.66
CA THR A 168 1.50 8.62 10.31
C THR A 168 0.08 8.52 9.77
N MET A 169 -0.25 7.37 9.21
CA MET A 169 -1.56 7.12 8.63
C MET A 169 -2.52 6.42 9.60
N VAL A 170 -3.67 7.04 9.89
CA VAL A 170 -4.66 6.37 10.73
C VAL A 170 -5.64 5.73 9.76
N THR A 171 -5.78 4.42 9.85
CA THR A 171 -6.68 3.67 8.98
C THR A 171 -7.98 3.36 9.70
N ILE A 172 -9.06 3.97 9.23
CA ILE A 172 -10.38 3.76 9.82
C ILE A 172 -11.11 2.63 9.10
N GLU A 173 -12.09 2.04 9.77
CA GLU A 173 -12.83 0.93 9.18
C GLU A 173 -13.68 1.34 7.98
N GLY A 174 -14.33 2.50 8.09
CA GLY A 174 -15.19 2.96 7.02
C GLY A 174 -16.44 2.08 6.93
N PRO A 175 -17.21 2.17 5.84
CA PRO A 175 -16.98 3.03 4.68
C PRO A 175 -17.28 4.51 4.91
N ARG A 176 -17.93 4.83 6.03
CA ARG A 176 -18.26 6.22 6.37
C ARG A 176 -16.99 7.04 6.65
N PHE A 177 -17.06 8.35 6.41
CA PHE A 177 -15.94 9.22 6.72
C PHE A 177 -16.03 9.50 8.23
N SER A 178 -14.97 10.08 8.79
CA SER A 178 -14.93 10.36 10.22
C SER A 178 -15.82 11.53 10.63
N SER A 179 -16.20 11.56 11.91
CA SER A 179 -16.99 12.66 12.45
C SER A 179 -15.96 13.76 12.79
N ARG A 180 -16.41 14.97 13.07
CA ARG A 180 -15.49 16.05 13.42
C ARG A 180 -14.77 15.76 14.74
N ALA A 181 -15.48 15.18 15.71
CA ALA A 181 -14.88 14.84 17.00
C ALA A 181 -13.76 13.81 16.80
N GLU A 182 -13.99 12.84 15.92
CA GLU A 182 -12.97 11.81 15.63
C GLU A 182 -11.77 12.45 14.93
N SER A 183 -12.04 13.35 13.98
CA SER A 183 -10.99 14.04 13.24
C SER A 183 -10.06 14.82 14.19
N PHE A 184 -10.64 15.53 15.14
CA PHE A 184 -9.86 16.30 16.13
C PHE A 184 -9.01 15.35 16.99
N MET A 185 -9.65 14.28 17.45
CA MET A 185 -9.00 13.28 18.28
C MET A 185 -7.79 12.64 17.60
N PHE A 186 -7.92 12.30 16.31
CA PHE A 186 -6.82 11.68 15.57
C PHE A 186 -5.60 12.62 15.54
N ARG A 187 -5.84 13.92 15.43
CA ARG A 187 -4.75 14.91 15.42
C ARG A 187 -4.00 14.89 16.75
N THR A 188 -4.72 14.78 17.86
CA THR A 188 -4.08 14.74 19.17
C THR A 188 -3.28 13.45 19.38
N TRP A 189 -3.68 12.38 18.66
CA TRP A 189 -2.99 11.10 18.73
C TRP A 189 -1.69 11.11 17.93
N GLY A 190 -1.52 12.14 17.10
CA GLY A 190 -0.32 12.25 16.29
C GLY A 190 -0.45 11.76 14.84
N ALA A 191 -1.69 11.56 14.39
CA ALA A 191 -1.93 11.11 13.01
C ALA A 191 -1.76 12.31 12.06
N ASP A 192 -1.23 12.06 10.87
CA ASP A 192 -0.99 13.11 9.89
C ASP A 192 -1.91 13.02 8.68
N VAL A 193 -2.28 11.79 8.33
CA VAL A 193 -3.17 11.51 7.20
C VAL A 193 -4.14 10.39 7.60
N ILE A 194 -5.24 10.27 6.88
CA ILE A 194 -6.25 9.27 7.18
C ILE A 194 -6.80 8.57 5.94
N ASN A 195 -6.92 7.25 6.02
CA ASN A 195 -7.45 6.46 4.92
C ASN A 195 -8.23 5.24 5.43
N MET A 196 -8.57 4.32 4.52
CA MET A 196 -9.34 3.14 4.90
C MET A 196 -8.69 1.82 4.48
N THR A 197 -7.48 1.86 3.90
CA THR A 197 -6.86 0.62 3.41
C THR A 197 -5.43 0.23 3.78
N THR A 198 -4.68 1.10 4.46
CA THR A 198 -3.29 0.77 4.80
C THR A 198 -3.19 -0.47 5.70
N VAL A 199 -4.06 -0.55 6.70
CA VAL A 199 -4.09 -1.70 7.60
C VAL A 199 -5.26 -2.58 7.10
N PRO A 200 -5.05 -3.90 6.99
CA PRO A 200 -3.87 -4.73 7.27
C PRO A 200 -2.94 -5.03 6.11
N GLU A 201 -3.06 -4.30 5.00
CA GLU A 201 -2.22 -4.53 3.83
C GLU A 201 -0.73 -4.50 4.20
N VAL A 202 -0.32 -3.50 4.98
CA VAL A 202 1.07 -3.38 5.39
C VAL A 202 1.51 -4.50 6.32
N VAL A 203 0.59 -4.99 7.14
CA VAL A 203 0.89 -6.08 8.09
C VAL A 203 1.16 -7.40 7.37
N LEU A 204 0.28 -7.75 6.43
CA LEU A 204 0.40 -8.98 5.66
C LEU A 204 1.64 -9.00 4.75
N ALA A 205 2.00 -7.84 4.20
CA ALA A 205 3.20 -7.75 3.36
C ALA A 205 4.45 -8.06 4.19
N LYS A 206 4.45 -7.64 5.46
CA LYS A 206 5.57 -7.88 6.36
C LYS A 206 5.68 -9.40 6.66
N GLU A 207 4.54 -10.04 6.91
CA GLU A 207 4.51 -11.48 7.18
C GLU A 207 5.02 -12.26 5.97
N ALA A 208 4.79 -11.68 4.79
CA ALA A 208 5.22 -12.29 3.53
C ALA A 208 6.69 -12.01 3.21
N GLY A 209 7.35 -11.21 4.06
CA GLY A 209 8.74 -10.89 3.84
C GLY A 209 8.97 -10.05 2.59
N ILE A 210 8.00 -9.20 2.26
CA ILE A 210 8.06 -8.32 1.10
C ILE A 210 8.38 -6.88 1.50
N CYS A 211 9.17 -6.18 0.67
CA CYS A 211 9.50 -4.77 0.94
C CYS A 211 8.27 -3.96 0.53
N TYR A 212 7.61 -3.35 1.53
CA TYR A 212 6.40 -2.59 1.30
C TYR A 212 6.56 -1.09 1.51
N ALA A 213 5.99 -0.31 0.60
CA ALA A 213 6.02 1.16 0.67
C ALA A 213 4.71 1.69 0.11
N SER A 214 4.27 2.83 0.62
CA SER A 214 3.02 3.44 0.21
C SER A 214 3.13 4.90 -0.24
N ILE A 215 2.52 5.20 -1.39
CA ILE A 215 2.46 6.54 -1.94
C ILE A 215 1.06 7.06 -1.58
N ALA A 216 0.97 7.84 -0.51
CA ALA A 216 -0.31 8.41 -0.09
C ALA A 216 -0.51 9.78 -0.74
N MET A 217 -1.68 9.96 -1.37
CA MET A 217 -2.00 11.22 -2.04
C MET A 217 -3.13 11.94 -1.30
N ALA A 218 -2.81 13.08 -0.69
CA ALA A 218 -3.82 13.86 0.02
C ALA A 218 -4.85 14.42 -0.97
N THR A 219 -6.12 14.21 -0.68
CA THR A 219 -7.19 14.66 -1.57
C THR A 219 -8.16 15.67 -0.92
N ASP A 220 -7.99 15.89 0.37
CA ASP A 220 -8.86 16.78 1.14
C ASP A 220 -8.28 16.99 2.54
N TYR A 221 -8.95 17.82 3.33
CA TYR A 221 -8.53 18.09 4.72
C TYR A 221 -9.50 17.44 5.71
N ASP A 222 -10.13 16.34 5.31
CA ASP A 222 -11.10 15.63 6.15
C ASP A 222 -12.16 16.63 6.61
N CYS A 223 -12.35 16.81 7.92
CA CYS A 223 -13.36 17.76 8.38
C CYS A 223 -12.98 18.59 9.61
N TRP A 224 -11.70 18.59 9.97
CA TRP A 224 -11.24 19.35 11.13
C TRP A 224 -11.12 20.85 10.83
N ALA A 230 -15.47 20.56 3.79
CA ALA A 230 -15.25 19.18 4.32
C ALA A 230 -15.28 18.11 3.20
N VAL A 231 -14.71 16.95 3.50
CA VAL A 231 -14.62 15.82 2.57
C VAL A 231 -15.94 15.22 2.07
N SER A 232 -15.90 14.70 0.84
CA SER A 232 -17.03 14.05 0.19
C SER A 232 -16.43 13.21 -0.94
N VAL A 233 -17.18 12.22 -1.40
CA VAL A 233 -16.71 11.36 -2.49
C VAL A 233 -16.37 12.18 -3.74
N ASP A 234 -17.20 13.16 -4.07
CA ASP A 234 -16.97 13.99 -5.25
C ASP A 234 -15.67 14.79 -5.13
N ARG A 235 -15.38 15.28 -3.93
CA ARG A 235 -14.17 16.05 -3.67
C ARG A 235 -12.95 15.15 -3.83
N VAL A 236 -13.04 13.93 -3.29
CA VAL A 236 -11.94 12.97 -3.38
C VAL A 236 -11.65 12.61 -4.83
N LEU A 237 -12.69 12.24 -5.58
CA LEU A 237 -12.55 11.85 -6.98
C LEU A 237 -11.99 12.97 -7.84
N LYS A 238 -12.40 14.20 -7.56
CA LYS A 238 -11.94 15.36 -8.31
C LYS A 238 -10.44 15.58 -8.14
N THR A 239 -9.98 15.53 -6.89
CA THR A 239 -8.56 15.73 -6.60
C THR A 239 -7.68 14.61 -7.16
N LEU A 240 -8.19 13.38 -7.14
CA LEU A 240 -7.45 12.25 -7.67
C LEU A 240 -7.28 12.41 -9.19
N LYS A 241 -8.34 12.82 -9.86
CA LYS A 241 -8.30 13.01 -11.30
C LYS A 241 -7.28 14.09 -11.66
N GLU A 242 -7.24 15.15 -10.86
CA GLU A 242 -6.31 16.26 -11.09
C GLU A 242 -4.84 15.93 -10.79
N ASN A 243 -4.60 14.96 -9.92
CA ASN A 243 -3.23 14.62 -9.51
C ASN A 243 -2.72 13.21 -9.79
N ALA A 244 -3.54 12.37 -10.41
CA ALA A 244 -3.14 10.98 -10.69
C ALA A 244 -1.81 10.84 -11.43
N ASN A 245 -1.53 11.77 -12.34
CA ASN A 245 -0.30 11.76 -13.11
C ASN A 245 0.97 11.76 -12.26
N LYS A 246 0.87 12.35 -11.06
CA LYS A 246 2.00 12.42 -10.14
C LYS A 246 2.44 11.04 -9.65
N ALA A 247 1.49 10.23 -9.22
CA ALA A 247 1.77 8.88 -8.73
C ALA A 247 2.31 8.02 -9.87
N LYS A 248 1.73 8.18 -11.06
CA LYS A 248 2.16 7.45 -12.25
C LYS A 248 3.60 7.80 -12.59
N SER A 249 3.92 9.10 -12.67
CA SER A 249 5.29 9.54 -12.97
C SER A 249 6.28 9.07 -11.90
N LEU A 250 5.87 9.13 -10.63
CA LEU A 250 6.74 8.70 -9.53
C LEU A 250 7.08 7.21 -9.64
N LEU A 251 6.08 6.38 -9.89
CA LEU A 251 6.29 4.94 -10.04
C LEU A 251 7.18 4.61 -11.24
N LEU A 252 6.90 5.26 -12.37
CA LEU A 252 7.68 5.04 -13.59
C LEU A 252 9.15 5.38 -13.44
N THR A 253 9.45 6.42 -12.66
CA THR A 253 10.82 6.85 -12.45
C THR A 253 11.50 6.11 -11.29
N THR A 254 10.72 5.73 -10.27
CA THR A 254 11.25 5.02 -9.10
C THR A 254 11.65 3.58 -9.36
N ILE A 255 10.77 2.83 -10.01
CA ILE A 255 11.00 1.41 -10.28
C ILE A 255 12.31 1.02 -10.98
N PRO A 256 12.73 1.74 -12.04
CA PRO A 256 13.99 1.36 -12.69
C PRO A 256 15.18 1.60 -11.76
N GLN A 257 15.01 2.54 -10.83
CA GLN A 257 16.04 2.86 -9.84
C GLN A 257 16.15 1.71 -8.82
N ILE A 258 15.01 1.16 -8.42
CA ILE A 258 14.95 0.04 -7.48
C ILE A 258 15.68 -1.14 -8.12
N GLY A 259 15.36 -1.39 -9.39
CA GLY A 259 15.97 -2.49 -10.12
C GLY A 259 17.47 -2.38 -10.36
N SER A 260 18.05 -1.20 -10.16
CA SER A 260 19.48 -1.02 -10.38
C SER A 260 20.34 -1.21 -9.13
N THR A 261 19.72 -1.56 -8.01
CA THR A 261 20.45 -1.76 -6.76
C THR A 261 20.32 -3.20 -6.25
N GLU A 262 21.17 -3.57 -5.30
CA GLU A 262 21.16 -4.91 -4.72
C GLU A 262 20.25 -4.97 -3.50
N TRP A 263 19.34 -5.94 -3.51
CA TRP A 263 18.38 -6.11 -2.41
C TRP A 263 18.44 -7.44 -1.66
N SER A 264 19.38 -8.32 -2.01
CA SER A 264 19.48 -9.62 -1.35
C SER A 264 19.59 -9.59 0.17
N GLU A 265 20.39 -8.66 0.70
CA GLU A 265 20.58 -8.53 2.14
C GLU A 265 19.30 -8.04 2.84
N THR A 266 18.68 -7.01 2.26
CA THR A 266 17.45 -6.44 2.78
C THR A 266 16.34 -7.48 2.79
N LEU A 267 16.25 -8.26 1.71
CA LEU A 267 15.23 -9.32 1.61
C LEU A 267 15.51 -10.46 2.57
N HIS A 268 16.79 -10.74 2.82
CA HIS A 268 17.20 -11.80 3.73
C HIS A 268 16.79 -11.43 5.16
N ASN A 269 17.03 -10.18 5.53
CA ASN A 269 16.68 -9.70 6.87
C ASN A 269 15.15 -9.73 7.07
N LEU A 270 14.39 -9.44 6.01
CA LEU A 270 12.93 -9.48 6.08
C LEU A 270 12.44 -10.92 6.23
N LYS A 271 13.07 -11.84 5.51
CA LYS A 271 12.69 -13.24 5.57
C LYS A 271 12.96 -13.77 6.98
N ASN A 272 14.10 -13.41 7.55
CA ASN A 272 14.46 -13.85 8.91
C ASN A 272 13.45 -13.35 9.92
N MET A 273 13.13 -12.05 9.85
CA MET A 273 12.16 -11.47 10.78
C MET A 273 10.83 -12.21 10.75
N ALA A 274 10.32 -12.45 9.54
CA ALA A 274 9.04 -13.14 9.36
C ALA A 274 9.10 -14.57 9.89
N GLN A 275 10.16 -15.28 9.52
CA GLN A 275 10.36 -16.67 9.92
C GLN A 275 10.40 -16.88 11.43
N PHE A 276 11.16 -16.04 12.13
CA PHE A 276 11.31 -16.13 13.58
C PHE A 276 10.16 -15.52 14.39
N SER A 277 9.13 -15.04 13.70
CA SER A 277 7.95 -14.46 14.35
C SER A 277 6.90 -15.55 14.56
N VAL A 278 7.15 -16.72 13.96
CA VAL A 278 6.23 -17.85 14.04
C VAL A 278 6.51 -18.85 15.15
N LEU A 279 5.50 -19.07 15.99
CA LEU A 279 5.56 -20.02 17.09
C LEU A 279 4.91 -21.32 16.63
N LEU A 280 5.71 -22.37 16.50
CA LEU A 280 5.22 -23.68 16.07
C LEU A 280 4.87 -24.53 17.29
N PRO A 281 3.98 -25.53 17.13
CA PRO A 281 3.55 -26.43 18.21
C PRO A 281 4.70 -27.10 18.97
N9 ADE B . -9.71 8.95 1.57
C8 ADE B . -9.60 10.23 1.08
N7 ADE B . -9.91 11.16 1.95
C5 ADE B . -10.26 10.45 3.08
C6 ADE B . -10.68 10.85 4.35
N6 ADE B . -10.83 12.14 4.67
N1 ADE B . -10.95 9.86 5.24
C2 ADE B . -10.79 8.58 4.89
N3 ADE B . -10.39 8.09 3.72
C4 ADE B . -10.13 9.10 2.86
#